data_6L7Y
#
_entry.id   6L7Y
#
_cell.length_a   115.943
_cell.length_b   115.943
_cell.length_c   56.749
_cell.angle_alpha   90.000
_cell.angle_beta   90.000
_cell.angle_gamma   120.000
#
_symmetry.space_group_name_H-M   'P 32 2 1'
#
loop_
_entity.id
_entity.type
_entity.pdbx_description
1 polymer 'mRNA_triPase domain-containing protein'
2 non-polymer 3,4,6,7-tetrahydroacridine-1,8(2H,5H)-dione
3 non-polymer 'SULFATE ION'
4 water water
#
_entity_poly.entity_id   1
_entity_poly.type   'polypeptide(L)'
_entity_poly.pdbx_seq_one_letter_code
;GPGSDAEQRAVAKALFDAVNKHLSNPFIEVEMRLGQFKVEEDANFTACVSTEDYERIKTYLMTEMENSSMTRSVTHDVSL
RGWRHTYATDENGNPTRCVSIVRKKRLFVKNIVVPLGAYNLRFAVSTETPGDLRFSGAGPRAGHTRLKDRLSITDGMFRY
DMTQVTEKGVLMHEVEIEGVFSSHEKQLTESWLEELLRRAMRLATLRTN
;
_entity_poly.pdbx_strand_id   A
#
loop_
_chem_comp.id
_chem_comp.type
_chem_comp.name
_chem_comp.formula
JJY non-polymer 3,4,6,7-tetrahydroacridine-1,8(2H,5H)-dione 'C13 H13 N O2'
SO4 non-polymer 'SULFATE ION' 'O4 S -2'
#
# COMPACT_ATOMS: atom_id res chain seq x y z
N ASP A 5 -13.30 -4.80 -20.17
CA ASP A 5 -14.41 -5.09 -19.28
C ASP A 5 -14.69 -6.59 -19.20
N ALA A 6 -14.63 -7.26 -20.34
CA ALA A 6 -14.53 -8.71 -20.34
C ALA A 6 -13.10 -9.16 -20.04
N GLU A 7 -12.12 -8.46 -20.61
CA GLU A 7 -10.73 -8.77 -20.31
C GLU A 7 -10.38 -8.47 -18.85
N GLN A 8 -11.10 -7.53 -18.23
CA GLN A 8 -10.89 -7.28 -16.81
C GLN A 8 -11.41 -8.44 -15.96
N ARG A 9 -12.53 -9.05 -16.36
CA ARG A 9 -13.02 -10.23 -15.64
C ARG A 9 -12.02 -11.37 -15.71
N ALA A 10 -11.29 -11.49 -16.82
CA ALA A 10 -10.31 -12.56 -16.96
C ALA A 10 -9.12 -12.36 -16.01
N VAL A 11 -8.57 -11.14 -15.97
CA VAL A 11 -7.44 -10.88 -15.07
C VAL A 11 -7.83 -11.15 -13.63
N ALA A 12 -9.02 -10.71 -13.23
CA ALA A 12 -9.48 -10.95 -11.86
C ALA A 12 -9.50 -12.44 -11.54
N LYS A 13 -9.98 -13.25 -12.49
CA LYS A 13 -9.97 -14.69 -12.28
C LYS A 13 -8.54 -15.22 -12.19
N ALA A 14 -7.66 -14.74 -13.06
CA ALA A 14 -6.27 -15.20 -13.04
C ALA A 14 -5.59 -14.81 -11.73
N LEU A 15 -5.90 -13.63 -11.20
CA LEU A 15 -5.35 -13.24 -9.90
C LEU A 15 -5.89 -14.13 -8.79
N PHE A 16 -7.20 -14.42 -8.82
CA PHE A 16 -7.79 -15.22 -7.75
C PHE A 16 -7.26 -16.64 -7.74
N ASP A 17 -7.12 -17.24 -8.92
CA ASP A 17 -6.63 -18.61 -8.98
C ASP A 17 -5.19 -18.71 -8.45
N ALA A 18 -4.42 -17.64 -8.57
CA ALA A 18 -3.03 -17.67 -8.11
C ALA A 18 -2.91 -17.45 -6.61
N VAL A 19 -3.81 -16.66 -6.01
CA VAL A 19 -3.68 -16.30 -4.60
C VAL A 19 -4.58 -17.13 -3.67
N ASN A 20 -5.56 -17.85 -4.21
CA ASN A 20 -6.52 -18.57 -3.37
C ASN A 20 -5.82 -19.48 -2.38
N LYS A 21 -4.77 -20.16 -2.82
CA LYS A 21 -4.04 -21.09 -1.97
C LYS A 21 -3.45 -20.43 -0.72
N HIS A 22 -3.35 -19.10 -0.69
CA HIS A 22 -2.65 -18.40 0.37
C HIS A 22 -3.55 -17.80 1.44
N LEU A 23 -4.85 -17.66 1.17
CA LEU A 23 -5.72 -16.95 2.09
C LEU A 23 -5.90 -17.64 3.44
N SER A 24 -5.50 -18.91 3.56
CA SER A 24 -5.55 -19.57 4.86
C SER A 24 -4.49 -19.03 5.82
N ASN A 25 -3.48 -18.33 5.31
CA ASN A 25 -2.41 -17.82 6.16
C ASN A 25 -2.93 -16.73 7.08
N PRO A 26 -2.59 -16.75 8.37
CA PRO A 26 -2.87 -15.60 9.22
C PRO A 26 -2.06 -14.39 8.78
N PHE A 27 -2.58 -13.21 9.10
CA PHE A 27 -1.89 -11.94 8.86
C PHE A 27 -1.60 -11.73 7.36
N ILE A 28 -2.60 -12.00 6.52
CA ILE A 28 -2.44 -11.84 5.08
C ILE A 28 -2.82 -10.42 4.70
N GLU A 29 -2.10 -9.84 3.74
CA GLU A 29 -2.35 -8.49 3.28
C GLU A 29 -2.38 -8.46 1.76
N VAL A 30 -3.29 -7.66 1.21
CA VAL A 30 -3.44 -7.51 -0.23
C VAL A 30 -3.44 -6.02 -0.56
N GLU A 31 -2.70 -5.65 -1.62
CA GLU A 31 -2.54 -4.26 -1.98
C GLU A 31 -2.34 -4.14 -3.48
N MET A 32 -2.76 -2.99 -4.02
CA MET A 32 -2.46 -2.60 -5.40
C MET A 32 -1.72 -1.26 -5.35
N ARG A 33 -0.53 -1.21 -5.92
CA ARG A 33 0.33 -0.05 -5.84
C ARG A 33 0.49 0.57 -7.23
N LEU A 34 0.26 1.89 -7.33
CA LEU A 34 0.63 2.61 -8.53
C LEU A 34 2.13 2.86 -8.55
N GLY A 35 2.67 2.99 -9.76
CA GLY A 35 4.11 3.15 -9.90
C GLY A 35 4.54 3.26 -11.35
N GLN A 36 5.83 3.02 -11.57
CA GLN A 36 6.41 3.14 -12.90
C GLN A 36 7.74 2.40 -12.93
N PHE A 37 8.14 1.99 -14.12
CA PHE A 37 9.40 1.29 -14.34
C PHE A 37 10.46 2.26 -14.85
N LYS A 38 11.71 1.98 -14.46
CA LYS A 38 12.88 2.74 -14.91
C LYS A 38 12.71 4.23 -14.61
N VAL A 39 12.29 4.54 -13.39
CA VAL A 39 12.27 5.93 -12.93
C VAL A 39 13.40 6.23 -11.95
N GLU A 40 14.04 5.20 -11.38
CA GLU A 40 15.29 5.33 -10.65
C GLU A 40 16.30 4.33 -11.21
N GLU A 41 17.58 4.55 -10.91
CA GLU A 41 18.61 3.80 -11.60
C GLU A 41 18.87 2.43 -10.97
N ASP A 42 18.74 2.32 -9.65
CA ASP A 42 18.99 1.02 -9.02
C ASP A 42 17.80 0.07 -9.15
N ALA A 43 16.59 0.59 -9.27
CA ALA A 43 15.38 -0.21 -9.12
C ALA A 43 14.71 -0.47 -10.46
N ASN A 44 13.97 -1.58 -10.52
CA ASN A 44 13.13 -1.89 -11.66
C ASN A 44 11.82 -1.14 -11.55
N PHE A 45 10.92 -1.61 -10.70
CA PHE A 45 9.64 -0.96 -10.44
C PHE A 45 9.77 -0.08 -9.21
N THR A 46 9.24 1.14 -9.31
CA THR A 46 9.25 2.10 -8.22
C THR A 46 7.81 2.50 -7.91
N ALA A 47 7.41 2.37 -6.64
CA ALA A 47 6.02 2.56 -6.24
C ALA A 47 5.81 4.03 -5.88
N CYS A 48 5.62 4.85 -6.91
CA CYS A 48 5.59 6.29 -6.70
C CYS A 48 4.80 6.98 -7.80
N VAL A 49 4.25 8.14 -7.47
CA VAL A 49 3.57 8.99 -8.42
C VAL A 49 4.20 10.38 -8.39
N SER A 50 3.95 11.15 -9.44
CA SER A 50 4.45 12.52 -9.46
C SER A 50 3.68 13.37 -8.47
N THR A 51 4.28 14.49 -8.09
CA THR A 51 3.65 15.39 -7.15
C THR A 51 2.32 15.92 -7.68
N GLU A 52 2.24 16.14 -9.00
CA GLU A 52 1.03 16.68 -9.59
C GLU A 52 -0.07 15.62 -9.64
N ASP A 53 0.27 14.41 -10.08
CA ASP A 53 -0.73 13.35 -10.15
C ASP A 53 -1.18 12.91 -8.77
N TYR A 54 -0.32 13.07 -7.76
CA TYR A 54 -0.74 12.77 -6.40
C TYR A 54 -1.84 13.70 -5.93
N GLU A 55 -1.72 15.00 -6.23
CA GLU A 55 -2.66 15.96 -5.67
C GLU A 55 -4.00 15.93 -6.39
N ARG A 56 -4.04 15.55 -7.67
CA ARG A 56 -5.33 15.43 -8.32
C ARG A 56 -5.97 14.08 -8.04
N ILE A 57 -5.18 13.03 -7.83
CA ILE A 57 -5.73 11.82 -7.23
C ILE A 57 -6.33 12.14 -5.86
N LYS A 58 -5.70 13.07 -5.13
CA LYS A 58 -6.24 13.49 -3.83
C LYS A 58 -7.56 14.23 -4.00
N THR A 59 -7.61 15.17 -4.94
CA THR A 59 -8.85 15.90 -5.17
C THR A 59 -9.95 14.99 -5.65
N TYR A 60 -9.64 14.08 -6.58
CA TYR A 60 -10.63 13.10 -7.03
C TYR A 60 -11.16 12.30 -5.85
N LEU A 61 -10.26 11.67 -5.09
CA LEU A 61 -10.68 10.78 -4.02
C LEU A 61 -11.50 11.50 -2.95
N MET A 62 -11.15 12.74 -2.64
CA MET A 62 -11.80 13.41 -1.53
C MET A 62 -13.16 14.00 -1.88
N THR A 63 -13.43 14.26 -3.16
CA THR A 63 -14.77 14.63 -3.56
C THR A 63 -15.63 13.40 -3.79
N GLU A 64 -15.08 12.36 -4.42
CA GLU A 64 -15.85 11.18 -4.78
C GLU A 64 -16.27 10.36 -3.56
N MET A 65 -15.57 10.48 -2.44
CA MET A 65 -15.98 9.78 -1.22
C MET A 65 -15.74 10.69 -0.01
N GLU A 66 -16.42 11.83 0.00
CA GLU A 66 -16.35 12.72 1.17
C GLU A 66 -17.11 12.15 2.35
N ASN A 67 -18.17 11.37 2.09
CA ASN A 67 -18.88 10.70 3.17
C ASN A 67 -18.03 9.61 3.82
N SER A 68 -17.01 9.11 3.13
CA SER A 68 -16.25 7.97 3.62
C SER A 68 -15.42 8.35 4.85
N SER A 69 -15.18 7.35 5.69
CA SER A 69 -14.35 7.55 6.88
C SER A 69 -12.90 7.80 6.48
N MET A 70 -12.24 8.68 7.21
CA MET A 70 -10.90 9.14 6.84
C MET A 70 -10.05 9.36 8.07
N THR A 71 -8.75 9.09 7.94
CA THR A 71 -7.79 9.39 8.99
C THR A 71 -6.48 9.85 8.37
N ARG A 72 -5.66 10.49 9.18
CA ARG A 72 -4.34 10.97 8.77
C ARG A 72 -3.36 10.69 9.89
N SER A 73 -2.21 10.11 9.55
CA SER A 73 -1.24 9.70 10.56
C SER A 73 0.18 9.97 10.06
N VAL A 74 1.02 10.48 10.96
CA VAL A 74 2.44 10.64 10.70
C VAL A 74 3.17 9.62 11.56
N THR A 75 3.99 8.78 10.92
CA THR A 75 4.71 7.72 11.61
C THR A 75 6.15 7.69 11.13
N HIS A 76 7.00 7.03 11.93
CA HIS A 76 8.43 6.91 11.67
C HIS A 76 8.80 5.44 11.58
N ASP A 77 9.10 4.97 10.38
CA ASP A 77 9.47 3.59 10.13
C ASP A 77 10.98 3.45 10.15
N VAL A 78 11.48 2.38 10.76
CA VAL A 78 12.89 2.04 10.65
C VAL A 78 13.00 0.56 10.26
N SER A 79 13.76 0.28 9.20
CA SER A 79 14.00 -1.08 8.75
C SER A 79 15.22 -1.64 9.48
N LEU A 80 15.10 -2.85 9.99
CA LEU A 80 16.18 -3.45 10.76
C LEU A 80 16.17 -4.96 10.55
N ARG A 81 17.14 -5.45 9.78
CA ARG A 81 17.35 -6.88 9.54
C ARG A 81 16.08 -7.58 9.07
N GLY A 82 15.43 -6.97 8.06
CA GLY A 82 14.26 -7.56 7.46
C GLY A 82 12.95 -7.31 8.18
N TRP A 83 12.99 -6.67 9.34
CA TRP A 83 11.78 -6.29 10.08
C TRP A 83 11.56 -4.79 9.96
N ARG A 84 10.33 -4.37 10.24
CA ARG A 84 9.97 -2.96 10.17
C ARG A 84 9.40 -2.55 11.51
N HIS A 85 10.07 -1.60 12.17
CA HIS A 85 9.60 -1.03 13.44
C HIS A 85 8.90 0.28 13.13
N THR A 86 7.70 0.45 13.67
CA THR A 86 6.90 1.64 13.47
C THR A 86 6.87 2.44 14.77
N TYR A 87 7.14 3.74 14.66
CA TYR A 87 7.21 4.64 15.80
C TYR A 87 6.17 5.73 15.67
N ALA A 88 5.51 6.07 16.77
CA ALA A 88 4.64 7.23 16.78
C ALA A 88 5.48 8.51 16.72
N THR A 89 4.81 9.62 16.43
CA THR A 89 5.47 10.87 16.09
C THR A 89 4.89 12.01 16.92
N ASP A 90 5.76 12.95 17.30
CA ASP A 90 5.34 14.09 18.11
C ASP A 90 4.96 15.26 17.20
N GLU A 91 4.80 16.44 17.82
CA GLU A 91 4.46 17.65 17.08
C GLU A 91 5.44 17.90 15.93
N ASN A 92 6.74 17.73 16.19
CA ASN A 92 7.77 18.12 15.24
C ASN A 92 8.02 17.07 14.16
N GLY A 93 7.50 15.86 14.31
CA GLY A 93 7.77 14.80 13.37
C GLY A 93 8.80 13.79 13.83
N ASN A 94 9.12 13.74 15.13
CA ASN A 94 10.21 12.95 15.68
C ASN A 94 9.69 11.68 16.35
N PRO A 95 10.48 10.61 16.34
CA PRO A 95 10.04 9.35 16.93
C PRO A 95 9.82 9.48 18.43
N THR A 96 8.71 8.90 18.90
CA THR A 96 8.44 8.83 20.33
C THR A 96 8.53 7.39 20.82
N ARG A 97 7.44 6.65 20.68
CA ARG A 97 7.34 5.28 21.19
C ARG A 97 7.06 4.32 20.04
N CYS A 98 7.65 3.13 20.12
CA CYS A 98 7.43 2.11 19.12
C CYS A 98 6.06 1.47 19.31
N VAL A 99 5.32 1.31 18.22
CA VAL A 99 3.95 0.85 18.28
C VAL A 99 3.73 -0.50 17.61
N SER A 100 4.58 -0.91 16.67
CA SER A 100 4.43 -2.24 16.07
C SER A 100 5.73 -2.63 15.39
N ILE A 101 6.05 -3.92 15.49
CA ILE A 101 7.10 -4.56 14.71
C ILE A 101 6.45 -5.66 13.88
N VAL A 102 6.69 -5.64 12.57
CA VAL A 102 6.16 -6.65 11.66
C VAL A 102 7.28 -7.14 10.76
N ARG A 103 7.12 -8.36 10.26
CA ARG A 103 7.95 -8.91 9.20
C ARG A 103 7.08 -9.20 7.99
N LYS A 104 7.44 -8.64 6.85
CA LYS A 104 6.66 -8.76 5.63
C LYS A 104 7.29 -9.81 4.72
N LYS A 105 6.47 -10.77 4.29
CA LYS A 105 6.91 -11.83 3.39
C LYS A 105 6.01 -11.83 2.16
N ARG A 106 6.58 -11.51 1.00
CA ARG A 106 5.81 -11.51 -0.23
C ARG A 106 5.49 -12.94 -0.65
N LEU A 107 4.19 -13.23 -0.81
CA LEU A 107 3.77 -14.56 -1.26
C LEU A 107 3.44 -14.62 -2.75
N PHE A 108 3.04 -13.50 -3.35
CA PHE A 108 2.71 -13.49 -4.77
C PHE A 108 2.69 -12.05 -5.26
N VAL A 109 3.32 -11.80 -6.41
CA VAL A 109 3.37 -10.48 -7.02
C VAL A 109 3.01 -10.62 -8.49
N LYS A 110 2.26 -9.65 -9.01
CA LYS A 110 1.82 -9.66 -10.40
C LYS A 110 1.78 -8.23 -10.92
N ASN A 111 2.31 -8.03 -12.13
CA ASN A 111 2.21 -6.75 -12.82
C ASN A 111 0.95 -6.72 -13.67
N ILE A 112 0.13 -5.68 -13.49
CA ILE A 112 -1.13 -5.56 -14.19
C ILE A 112 -0.90 -4.78 -15.49
N VAL A 113 -1.45 -5.31 -16.58
CA VAL A 113 -1.41 -4.60 -17.86
C VAL A 113 -2.31 -3.38 -17.78
N VAL A 114 -1.77 -2.23 -18.16
CA VAL A 114 -2.47 -0.95 -18.02
C VAL A 114 -2.58 -0.29 -19.39
N PRO A 115 -3.44 0.72 -19.55
CA PRO A 115 -3.47 1.46 -20.81
C PRO A 115 -2.22 2.31 -21.01
N LEU A 116 -1.97 2.66 -22.26
CA LEU A 116 -0.84 3.50 -22.60
C LEU A 116 -1.04 4.90 -22.03
N GLY A 117 -0.03 5.37 -21.30
CA GLY A 117 -0.09 6.67 -20.65
C GLY A 117 -0.50 6.63 -19.19
N ALA A 118 -0.95 5.48 -18.71
CA ALA A 118 -1.36 5.35 -17.32
C ALA A 118 -0.17 4.90 -16.46
N TYR A 119 -0.31 5.10 -15.16
CA TYR A 119 0.67 4.56 -14.23
C TYR A 119 0.61 3.05 -14.23
N ASN A 120 1.77 2.43 -14.05
CA ASN A 120 1.82 0.99 -13.89
C ASN A 120 1.19 0.58 -12.56
N LEU A 121 0.71 -0.66 -12.51
CA LEU A 121 0.05 -1.18 -11.33
C LEU A 121 0.70 -2.50 -10.92
N ARG A 122 0.94 -2.65 -9.62
CA ARG A 122 1.55 -3.86 -9.08
C ARG A 122 0.66 -4.41 -7.98
N PHE A 123 0.25 -5.67 -8.14
CA PHE A 123 -0.61 -6.37 -7.19
C PHE A 123 0.24 -7.33 -6.38
N ALA A 124 0.11 -7.27 -5.06
CA ALA A 124 0.93 -8.08 -4.17
C ALA A 124 0.08 -8.65 -3.05
N VAL A 125 0.29 -9.92 -2.76
CA VAL A 125 -0.26 -10.58 -1.58
C VAL A 125 0.92 -11.03 -0.72
N SER A 126 0.89 -10.65 0.56
CA SER A 126 2.00 -10.92 1.45
C SER A 126 1.44 -11.18 2.86
N THR A 127 2.34 -11.51 3.78
CA THR A 127 2.00 -11.63 5.20
C THR A 127 2.82 -10.63 5.99
N GLU A 128 2.15 -9.90 6.88
CA GLU A 128 2.79 -8.96 7.79
C GLU A 128 2.61 -9.48 9.21
N THR A 129 3.50 -10.37 9.62
CA THR A 129 3.43 -11.02 10.92
C THR A 129 3.94 -10.08 12.01
N PRO A 130 3.14 -9.78 13.04
CA PRO A 130 3.63 -8.95 14.14
C PRO A 130 4.73 -9.66 14.92
N GLY A 131 5.53 -8.85 15.63
CA GLY A 131 6.72 -9.35 16.29
C GLY A 131 6.82 -8.93 17.74
N ASP A 132 7.92 -9.36 18.36
CA ASP A 132 8.20 -9.10 19.77
C ASP A 132 8.58 -7.64 19.97
N LEU A 133 7.78 -6.91 20.74
CA LEU A 133 8.02 -5.47 20.91
C LEU A 133 9.28 -5.16 21.70
N ARG A 134 9.90 -6.15 22.35
CA ARG A 134 11.13 -5.88 23.08
C ARG A 134 12.30 -5.59 22.14
N PHE A 135 12.17 -5.95 20.86
CA PHE A 135 13.16 -5.58 19.87
C PHE A 135 13.18 -4.08 19.59
N SER A 136 12.18 -3.34 20.07
CA SER A 136 12.18 -1.89 19.92
C SER A 136 13.33 -1.25 20.68
N GLY A 137 14.03 -2.00 21.53
CA GLY A 137 15.18 -1.49 22.24
C GLY A 137 16.32 -1.07 21.33
N ALA A 138 16.26 -1.42 20.04
CA ALA A 138 17.28 -0.97 19.10
C ALA A 138 17.12 0.50 18.76
N GLY A 139 15.99 1.12 19.13
CA GLY A 139 15.80 2.53 18.91
C GLY A 139 15.35 2.86 17.51
N PRO A 140 14.86 4.09 17.32
CA PRO A 140 14.30 4.48 16.02
C PRO A 140 15.32 4.76 14.93
N ARG A 141 16.62 4.64 15.20
CA ARG A 141 17.62 5.02 14.21
C ARG A 141 18.71 3.96 14.07
N ALA A 142 18.35 2.70 14.21
CA ALA A 142 19.27 1.58 14.02
C ALA A 142 19.36 1.14 12.56
N GLY A 143 18.59 1.74 11.67
CA GLY A 143 18.67 1.43 10.26
C GLY A 143 18.03 2.51 9.44
N HIS A 144 17.89 2.25 8.14
CA HIS A 144 17.27 3.20 7.23
C HIS A 144 15.86 3.55 7.70
N THR A 145 15.53 4.84 7.69
CA THR A 145 14.27 5.33 8.22
C THR A 145 13.42 5.94 7.12
N ARG A 146 12.11 5.98 7.37
CA ARG A 146 11.13 6.55 6.46
C ARG A 146 10.09 7.29 7.29
N LEU A 147 9.95 8.59 7.07
CA LEU A 147 8.91 9.37 7.71
C LEU A 147 7.70 9.42 6.78
N LYS A 148 6.59 8.85 7.24
CA LYS A 148 5.40 8.65 6.41
C LYS A 148 4.28 9.57 6.89
N ASP A 149 3.75 10.38 5.96
CA ASP A 149 2.56 11.19 6.20
C ASP A 149 1.43 10.60 5.35
N ARG A 150 0.58 9.79 5.99
CA ARG A 150 -0.41 8.99 5.28
C ARG A 150 -1.79 9.61 5.40
N LEU A 151 -2.48 9.74 4.27
CA LEU A 151 -3.90 10.02 4.23
C LEU A 151 -4.64 8.74 3.86
N SER A 152 -5.62 8.35 4.67
CA SER A 152 -6.31 7.08 4.50
C SER A 152 -7.81 7.32 4.36
N ILE A 153 -8.39 6.83 3.26
CA ILE A 153 -9.82 6.88 3.04
C ILE A 153 -10.32 5.44 2.94
N THR A 154 -11.29 5.08 3.77
CA THR A 154 -11.87 3.74 3.76
C THR A 154 -13.23 3.78 3.09
N ASP A 155 -13.44 2.87 2.13
CA ASP A 155 -14.69 2.78 1.39
C ASP A 155 -15.05 1.29 1.29
N GLY A 156 -15.95 0.85 2.16
CA GLY A 156 -16.34 -0.55 2.16
C GLY A 156 -15.14 -1.43 2.49
N MET A 157 -14.80 -2.33 1.57
CA MET A 157 -13.67 -3.24 1.74
C MET A 157 -12.40 -2.72 1.08
N PHE A 158 -12.33 -1.42 0.83
CA PHE A 158 -11.19 -0.81 0.15
C PHE A 158 -10.69 0.37 0.94
N ARG A 159 -9.38 0.42 1.18
CA ARG A 159 -8.76 1.56 1.82
C ARG A 159 -7.75 2.17 0.87
N TYR A 160 -7.90 3.46 0.62
CA TYR A 160 -6.97 4.21 -0.21
C TYR A 160 -5.91 4.81 0.68
N ASP A 161 -4.64 4.64 0.30
CA ASP A 161 -3.50 5.15 1.06
C ASP A 161 -2.73 6.12 0.19
N MET A 162 -2.75 7.39 0.55
CA MET A 162 -1.92 8.41 -0.07
C MET A 162 -0.88 8.85 0.94
N THR A 163 0.39 8.67 0.59
CA THR A 163 1.49 8.83 1.54
C THR A 163 2.58 9.71 0.96
N GLN A 164 2.92 10.76 1.69
CA GLN A 164 4.13 11.54 1.42
C GLN A 164 5.25 10.97 2.29
N VAL A 165 6.25 10.36 1.66
CA VAL A 165 7.34 9.69 2.38
C VAL A 165 8.60 10.52 2.22
N THR A 166 9.21 10.89 3.35
CA THR A 166 10.48 11.59 3.37
C THR A 166 11.56 10.62 3.82
N GLU A 167 12.43 10.24 2.89
CA GLU A 167 13.54 9.33 3.18
C GLU A 167 14.84 9.97 2.71
N LYS A 168 15.79 10.13 3.63
CA LYS A 168 17.11 10.68 3.30
C LYS A 168 17.01 12.05 2.65
N GLY A 169 16.04 12.84 3.10
CA GLY A 169 15.84 14.20 2.62
C GLY A 169 14.87 14.37 1.47
N VAL A 170 14.85 13.43 0.54
CA VAL A 170 13.98 13.54 -0.62
C VAL A 170 12.58 13.06 -0.27
N LEU A 171 11.57 13.75 -0.77
CA LEU A 171 10.18 13.43 -0.53
C LEU A 171 9.58 12.78 -1.77
N MET A 172 8.82 11.70 -1.56
CA MET A 172 8.15 10.99 -2.64
C MET A 172 6.68 10.80 -2.27
N HIS A 173 5.87 10.50 -3.29
CA HIS A 173 4.43 10.35 -3.12
C HIS A 173 4.03 8.94 -3.55
N GLU A 174 3.28 8.25 -2.68
CA GLU A 174 2.84 6.89 -2.91
C GLU A 174 1.32 6.81 -2.88
N VAL A 175 0.75 5.98 -3.75
CA VAL A 175 -0.69 5.75 -3.81
C VAL A 175 -0.91 4.25 -3.89
N GLU A 176 -1.64 3.70 -2.92
CA GLU A 176 -2.01 2.29 -2.95
C GLU A 176 -3.41 2.11 -2.40
N ILE A 177 -4.04 1.01 -2.80
CA ILE A 177 -5.32 0.58 -2.26
C ILE A 177 -5.09 -0.77 -1.61
N GLU A 178 -5.61 -0.93 -0.39
CA GLU A 178 -5.47 -2.15 0.38
C GLU A 178 -6.84 -2.79 0.62
N GLY A 179 -6.83 -4.08 0.91
CA GLY A 179 -8.04 -4.79 1.27
C GLY A 179 -8.31 -4.65 2.75
N VAL A 180 -9.56 -4.36 3.08
CA VAL A 180 -10.01 -4.21 4.47
C VAL A 180 -11.05 -5.31 4.72
N PHE A 181 -10.69 -6.30 5.54
CA PHE A 181 -11.51 -7.49 5.69
C PHE A 181 -11.67 -7.85 7.16
N SER A 182 -12.88 -8.26 7.54
CA SER A 182 -13.06 -8.91 8.83
C SER A 182 -12.50 -10.33 8.80
N SER A 183 -12.48 -10.95 7.63
CA SER A 183 -11.83 -12.24 7.41
C SER A 183 -11.43 -12.31 5.95
N HIS A 184 -10.13 -12.39 5.67
CA HIS A 184 -9.65 -12.43 4.29
CA HIS A 184 -9.70 -12.42 4.27
C HIS A 184 -10.13 -13.70 3.58
N GLU A 185 -10.17 -14.82 4.30
CA GLU A 185 -10.55 -16.09 3.68
C GLU A 185 -11.93 -15.99 3.04
N LYS A 186 -12.92 -15.52 3.80
CA LYS A 186 -14.29 -15.48 3.31
C LYS A 186 -14.56 -14.29 2.40
N GLN A 187 -13.91 -13.15 2.64
CA GLN A 187 -14.33 -11.91 1.99
C GLN A 187 -13.54 -11.60 0.72
N LEU A 188 -12.24 -11.86 0.70
CA LEU A 188 -11.45 -11.62 -0.51
C LEU A 188 -11.87 -12.61 -1.60
N THR A 189 -12.77 -12.17 -2.46
CA THR A 189 -13.37 -12.99 -3.50
C THR A 189 -12.84 -12.57 -4.87
N GLU A 190 -13.20 -13.36 -5.88
CA GLU A 190 -12.89 -12.96 -7.26
C GLU A 190 -13.60 -11.67 -7.62
N SER A 191 -14.88 -11.55 -7.25
CA SER A 191 -15.63 -10.33 -7.54
C SER A 191 -15.04 -9.12 -6.80
N TRP A 192 -14.41 -9.35 -5.65
CA TRP A 192 -13.68 -8.28 -4.98
C TRP A 192 -12.48 -7.86 -5.82
N LEU A 193 -11.68 -8.83 -6.26
CA LEU A 193 -10.50 -8.54 -7.07
C LEU A 193 -10.86 -7.75 -8.32
N GLU A 194 -11.97 -8.09 -8.96
CA GLU A 194 -12.37 -7.36 -10.15
C GLU A 194 -12.70 -5.90 -9.83
N GLU A 195 -13.27 -5.64 -8.65
CA GLU A 195 -13.49 -4.25 -8.27
C GLU A 195 -12.18 -3.56 -7.90
N LEU A 196 -11.24 -4.29 -7.29
CA LEU A 196 -9.92 -3.71 -7.04
C LEU A 196 -9.30 -3.21 -8.34
N LEU A 197 -9.30 -4.07 -9.37
CA LEU A 197 -8.81 -3.65 -10.68
C LEU A 197 -9.56 -2.43 -11.20
N ARG A 198 -10.88 -2.42 -11.06
CA ARG A 198 -11.67 -1.31 -11.58
C ARG A 198 -11.35 -0.01 -10.87
N ARG A 199 -11.22 -0.06 -9.54
CA ARG A 199 -10.93 1.15 -8.78
C ARG A 199 -9.48 1.58 -8.98
N ALA A 200 -8.56 0.62 -8.98
CA ALA A 200 -7.14 0.94 -9.18
C ALA A 200 -6.89 1.47 -10.58
N MET A 201 -7.56 0.91 -11.58
CA MET A 201 -7.39 1.42 -12.93
C MET A 201 -7.94 2.83 -13.08
N ARG A 202 -8.96 3.18 -12.30
CA ARG A 202 -9.46 4.54 -12.35
C ARG A 202 -8.38 5.52 -11.92
N LEU A 203 -7.75 5.28 -10.76
CA LEU A 203 -6.68 6.15 -10.29
C LEU A 203 -5.54 6.25 -11.29
N ALA A 204 -5.16 5.13 -11.89
CA ALA A 204 -3.99 5.11 -12.77
C ALA A 204 -4.20 5.91 -14.05
N THR A 205 -5.44 6.26 -14.39
CA THR A 205 -5.75 6.77 -15.72
C THR A 205 -6.18 8.23 -15.77
N LEU A 206 -6.30 8.92 -14.63
CA LEU A 206 -6.66 10.34 -14.72
C LEU A 206 -5.61 11.10 -15.53
N ARG A 207 -6.09 11.93 -16.46
CA ARG A 207 -5.29 12.51 -17.53
C ARG A 207 -4.83 11.40 -18.47
C10 JJY B . 11.92 -13.30 16.74
C15 JJY B . 12.17 -9.24 15.56
O01 JJY B . 12.73 -6.50 15.11
C02 JJY B . 13.55 -7.32 14.74
C03 JJY B . 14.78 -6.90 13.99
C04 JJY B . 15.95 -7.76 14.44
C05 JJY B . 15.74 -9.23 14.07
C06 JJY B . 14.44 -9.74 14.67
N07 JJY B . 14.29 -11.06 14.90
C08 JJY B . 13.14 -11.53 15.43
C09 JJY B . 12.98 -13.02 15.68
C11 JJY B . 10.59 -12.65 16.40
C12 JJY B . 10.77 -11.15 16.37
O13 JJY B . 9.91 -10.40 16.80
C14 JJY B . 12.03 -10.60 15.79
C16 JJY B . 13.36 -8.78 15.01
S SO4 C . 11.09 -4.92 -8.56
O1 SO4 C . 9.89 -4.12 -8.34
O2 SO4 C . 11.12 -6.00 -7.58
O3 SO4 C . 11.07 -5.49 -9.91
O4 SO4 C . 12.26 -4.07 -8.41
S SO4 D . 4.38 -10.63 -14.37
O1 SO4 D . 2.96 -10.31 -14.53
O2 SO4 D . 4.61 -12.02 -14.76
O3 SO4 D . 4.76 -10.46 -12.97
O4 SO4 D . 5.18 -9.74 -15.21
S SO4 E . 9.34 -7.71 -13.79
O1 SO4 E . 8.05 -7.15 -13.43
O2 SO4 E . 9.16 -8.93 -14.58
O3 SO4 E . 10.09 -6.74 -14.58
O4 SO4 E . 10.09 -8.03 -12.58
S SO4 F . 5.49 0.52 3.78
O1 SO4 F . 4.26 1.29 3.58
O2 SO4 F . 5.18 -0.71 4.50
O3 SO4 F . 6.07 0.19 2.48
O4 SO4 F . 6.44 1.31 4.55
#